data_7VC3
#
_entry.id   7VC3
#
_cell.length_a   114.733
_cell.length_b   73.644
_cell.length_c   74.906
_cell.angle_alpha   90.000
_cell.angle_beta   111.380
_cell.angle_gamma   90.000
#
_symmetry.space_group_name_H-M   'C 1 2 1'
#
loop_
_entity.id
_entity.type
_entity.pdbx_description
1 polymer 'Prolyl-tRNA synthetase (ProRS)'
2 non-polymer 4-[(3S)-3-cyclopropyl-3-(hydroxymethyl)-2-oxidanylidene-pyrrolidin-1-yl]-N-[[3-fluoranyl-5-(1-methylpyrazol-4-yl)phenyl]methyl]-6-methyl-pyridine-2-carboxamide
3 non-polymer PROLINE
4 non-polymer GLYCEROL
5 non-polymer 'CHLORIDE ION'
6 non-polymer 'SODIUM ION'
7 non-polymer 'SULFITE ION'
8 non-polymer ETHANOLAMINE
9 water water
#
_entity_poly.entity_id   1
_entity_poly.type   'polypeptide(L)'
_entity_poly.pdbx_seq_one_letter_code
;GAMVTAKKDENFSEWYTQAIVRSEMIEYYDISGCYIMRPWAFHIWEKVQRFFDDEIKKMGVENSYFPMFVSRHKLEKEKD
HVEGFSPEVAWVTHYGDSPLPEKIAIRPTSETIMYPAYAKWIRSHRDLPLKLNQWCSVVRWEFKQPTPFLRTREFLWQEG
HTAHATEEEAWELVLDILELYRRWYEECLAVPVIKGEKSEGEKFAGGKKTTTVEAFIPENGRGIQAATSHLLGTNFAKMF
EIEFEDEEGHKRLVHQTSWGCTTRSLGVMIMTHGDDKGLVIPPRVASVQVVIIPILFKDENTGEILGKCRELKTMLEKAD
IRVRIDDRSNYTPGWKYNHWEVKGVPLRLELGPKDLAKGTARVVRRDTGEAYQISWADLAPKLLELMEGIQRSLFEKAKA
RLHEGIEKISTFDEVMPALNRKHLVLAPWCEDPESEEQIKKETQKLSEIQAIEAGDSEQVMTGAMKTLCIPFDQPPMPEG
TKCFYTGKPAKRWTLWGRSY
;
_entity_poly.pdbx_strand_id   A
#
loop_
_chem_comp.id
_chem_comp.type
_chem_comp.name
_chem_comp.formula
1XK non-polymer 4-[(3S)-3-cyclopropyl-3-(hydroxymethyl)-2-oxidanylidene-pyrrolidin-1-yl]-N-[[3-fluoranyl-5-(1-methylpyrazol-4-yl)phenyl]methyl]-6-methyl-pyridine-2-carboxamide 'C26 H28 F N5 O3'
CL non-polymer 'CHLORIDE ION' 'Cl -1'
GOL non-polymer GLYCEROL 'C3 H8 O3'
NA non-polymer 'SODIUM ION' 'Na 1'
SO3 non-polymer 'SULFITE ION' 'O3 S -2'
#
# COMPACT_ATOMS: atom_id res chain seq x y z
N MET A 3 23.57 10.72 -2.54
CA MET A 3 24.07 9.38 -2.21
C MET A 3 23.58 8.88 -0.83
N VAL A 4 23.02 7.66 -0.80
CA VAL A 4 22.53 7.06 0.44
C VAL A 4 23.71 6.40 1.17
N THR A 5 23.79 6.63 2.49
CA THR A 5 24.89 6.14 3.32
C THR A 5 24.48 5.23 4.47
N ALA A 6 23.23 5.26 4.93
CA ALA A 6 22.79 4.30 5.94
C ALA A 6 22.48 2.97 5.28
N LYS A 7 22.86 1.88 5.94
CA LYS A 7 22.62 0.53 5.42
C LYS A 7 21.25 0.02 5.84
N LYS A 8 20.54 -0.58 4.90
CA LYS A 8 19.15 -0.97 5.14
C LYS A 8 19.04 -2.00 6.27
N ASP A 9 20.02 -2.90 6.40
CA ASP A 9 20.04 -3.95 7.41
C ASP A 9 20.63 -3.48 8.74
N GLU A 10 21.09 -2.24 8.86
CA GLU A 10 21.63 -1.76 10.11
C GLU A 10 20.67 -0.77 10.78
N ASN A 11 20.60 0.47 10.29
CA ASN A 11 19.64 1.42 10.84
C ASN A 11 18.56 1.61 9.79
N PHE A 12 17.50 0.82 9.91
CA PHE A 12 16.40 0.88 8.97
C PHE A 12 15.76 2.27 8.93
N SER A 13 15.55 2.89 10.10
CA SER A 13 14.90 4.20 10.13
C SER A 13 15.67 5.21 9.31
N GLU A 14 16.98 5.35 9.59
CA GLU A 14 17.78 6.32 8.87
C GLU A 14 17.87 6.00 7.39
N TRP A 15 18.02 4.72 7.04
CA TRP A 15 18.04 4.34 5.63
C TRP A 15 16.76 4.78 4.93
N TYR A 16 15.60 4.51 5.54
CA TYR A 16 14.32 4.85 4.92
C TYR A 16 14.19 6.37 4.74
N THR A 17 14.58 7.13 5.78
CA THR A 17 14.56 8.59 5.68
C THR A 17 15.46 9.08 4.56
N GLN A 18 16.68 8.56 4.48
CA GLN A 18 17.60 8.97 3.42
C GLN A 18 17.04 8.62 2.05
N ALA A 19 16.54 7.40 1.89
CA ALA A 19 16.07 6.96 0.59
C ALA A 19 14.90 7.82 0.10
N ILE A 20 14.02 8.24 1.00
CA ILE A 20 12.86 9.01 0.50
C ILE A 20 13.14 10.49 0.39
N VAL A 21 14.10 11.02 1.17
CA VAL A 21 14.48 12.42 1.02
C VAL A 21 15.41 12.60 -0.17
N ARG A 22 16.48 11.81 -0.23
CA ARG A 22 17.49 12.03 -1.26
C ARG A 22 16.99 11.70 -2.65
N SER A 23 15.95 10.87 -2.78
CA SER A 23 15.29 10.63 -4.07
C SER A 23 14.27 11.69 -4.43
N GLU A 24 14.06 12.69 -3.56
CA GLU A 24 13.10 13.78 -3.78
C GLU A 24 11.66 13.27 -3.82
N MET A 25 11.33 12.35 -2.93
CA MET A 25 9.96 11.86 -2.80
C MET A 25 9.19 12.61 -1.74
N ILE A 26 9.83 12.95 -0.63
CA ILE A 26 9.17 13.55 0.53
C ILE A 26 9.85 14.87 0.84
N GLU A 27 9.06 15.86 1.29
CA GLU A 27 9.63 17.00 1.97
C GLU A 27 8.92 17.17 3.30
N TYR A 28 9.71 17.60 4.28
CA TYR A 28 9.21 17.87 5.62
C TYR A 28 8.41 19.16 5.64
N TYR A 29 7.70 19.34 6.74
CA TYR A 29 6.67 20.35 6.87
C TYR A 29 6.59 20.75 8.33
N ASP A 30 6.28 22.02 8.58
CA ASP A 30 6.33 22.51 9.95
C ASP A 30 5.20 21.99 10.83
N ILE A 31 4.17 21.38 10.29
CA ILE A 31 3.13 20.76 11.10
C ILE A 31 3.39 19.27 11.21
N SER A 32 3.68 18.81 12.42
CA SER A 32 4.14 17.44 12.62
C SER A 32 3.10 16.43 12.15
N GLY A 33 3.58 15.33 11.55
CA GLY A 33 2.70 14.28 11.09
C GLY A 33 2.23 14.42 9.65
N CYS A 34 2.52 15.56 9.02
CA CYS A 34 2.22 15.79 7.61
C CYS A 34 3.52 15.96 6.83
N TYR A 35 3.54 15.46 5.60
CA TYR A 35 4.69 15.54 4.73
C TYR A 35 4.26 16.05 3.36
N ILE A 36 5.16 16.74 2.69
CA ILE A 36 4.92 17.14 1.31
C ILE A 36 5.25 15.95 0.42
N MET A 37 4.34 15.62 -0.48
CA MET A 37 4.52 14.56 -1.46
C MET A 37 4.99 15.22 -2.76
N ARG A 38 6.30 15.11 -3.04
CA ARG A 38 6.92 15.72 -4.21
C ARG A 38 6.61 14.88 -5.45
N PRO A 39 6.84 15.44 -6.66
CA PRO A 39 6.41 14.71 -7.87
C PRO A 39 6.97 13.31 -8.05
N TRP A 40 8.21 13.04 -7.64
CA TRP A 40 8.76 11.71 -7.85
C TRP A 40 7.89 10.65 -7.18
N ALA A 41 7.33 10.95 -6.00
CA ALA A 41 6.41 10.03 -5.36
C ALA A 41 5.00 10.13 -5.95
N PHE A 42 4.58 11.38 -6.26
CA PHE A 42 3.20 11.56 -6.71
C PHE A 42 2.94 10.85 -8.04
N HIS A 43 3.95 10.76 -8.93
CA HIS A 43 3.79 10.02 -10.19
C HIS A 43 3.40 8.57 -9.92
N ILE A 44 4.04 7.95 -8.94
CA ILE A 44 3.69 6.56 -8.58
C ILE A 44 2.27 6.49 -8.05
N TRP A 45 1.88 7.46 -7.20
CA TRP A 45 0.49 7.50 -6.73
C TRP A 45 -0.49 7.61 -7.89
N GLU A 46 -0.19 8.49 -8.85
CA GLU A 46 -1.04 8.66 -10.03
C GLU A 46 -1.17 7.36 -10.78
N LYS A 47 -0.08 6.61 -10.89
CA LYS A 47 -0.12 5.35 -11.64
C LYS A 47 -1.02 4.33 -10.96
N VAL A 48 -0.83 4.11 -9.65
CA VAL A 48 -1.69 3.12 -9.00
C VAL A 48 -3.13 3.61 -8.92
N GLN A 49 -3.31 4.94 -8.87
CA GLN A 49 -4.67 5.48 -8.83
C GLN A 49 -5.37 5.22 -10.14
N ARG A 50 -4.66 5.38 -11.25
CA ARG A 50 -5.22 5.10 -12.56
C ARG A 50 -5.58 3.62 -12.69
N PHE A 51 -4.68 2.74 -12.26
CA PHE A 51 -4.98 1.31 -12.29
C PHE A 51 -6.28 1.01 -11.55
N PHE A 52 -6.35 1.42 -10.28
CA PHE A 52 -7.50 1.06 -9.48
C PHE A 52 -8.77 1.74 -9.97
N ASP A 53 -8.68 3.01 -10.36
CA ASP A 53 -9.83 3.73 -10.89
C ASP A 53 -10.41 3.03 -12.11
N ASP A 54 -9.55 2.61 -13.06
CA ASP A 54 -10.03 1.88 -14.23
C ASP A 54 -10.74 0.60 -13.81
N GLU A 55 -10.13 -0.12 -12.87
CA GLU A 55 -10.68 -1.40 -12.44
C GLU A 55 -12.07 -1.24 -11.82
N ILE A 56 -12.23 -0.26 -10.92
CA ILE A 56 -13.54 -0.15 -10.27
C ILE A 56 -14.57 0.44 -11.22
N LYS A 57 -14.15 1.27 -12.19
CA LYS A 57 -15.10 1.72 -13.20
C LYS A 57 -15.65 0.55 -13.99
N LYS A 58 -14.83 -0.48 -14.24
CA LYS A 58 -15.37 -1.67 -14.88
C LYS A 58 -16.44 -2.35 -14.02
N MET A 59 -16.39 -2.19 -12.69
CA MET A 59 -17.43 -2.79 -11.84
C MET A 59 -18.65 -1.91 -11.68
N GLY A 60 -18.74 -0.79 -12.38
CA GLY A 60 -19.86 0.11 -12.21
C GLY A 60 -19.71 1.10 -11.08
N VAL A 61 -18.58 1.13 -10.41
CA VAL A 61 -18.38 2.14 -9.38
C VAL A 61 -18.14 3.49 -10.03
N GLU A 62 -18.75 4.54 -9.50
CA GLU A 62 -18.58 5.88 -10.02
C GLU A 62 -17.99 6.82 -8.99
N ASN A 63 -17.16 7.75 -9.46
CA ASN A 63 -16.54 8.71 -8.55
C ASN A 63 -17.50 9.84 -8.21
N SER A 64 -17.23 10.47 -7.07
CA SER A 64 -18.07 11.55 -6.55
C SER A 64 -17.19 12.37 -5.63
N TYR A 65 -17.79 13.37 -4.99
CA TYR A 65 -17.06 14.11 -3.97
C TYR A 65 -18.02 14.65 -2.92
N PHE A 66 -17.88 14.16 -1.66
CA PHE A 66 -18.59 14.57 -0.46
C PHE A 66 -17.72 15.55 0.35
N PRO A 67 -18.35 16.43 1.13
CA PRO A 67 -17.59 17.47 1.85
C PRO A 67 -16.59 16.89 2.85
N MET A 68 -15.57 17.69 3.14
CA MET A 68 -14.56 17.26 4.11
C MET A 68 -14.99 17.50 5.54
N PHE A 69 -16.10 18.17 5.77
CA PHE A 69 -16.60 18.47 7.11
C PHE A 69 -17.79 17.58 7.42
N VAL A 70 -17.95 17.27 8.70
CA VAL A 70 -19.12 16.54 9.18
C VAL A 70 -19.58 17.18 10.48
N SER A 71 -20.90 17.31 10.65
CA SER A 71 -21.47 17.87 11.85
C SER A 71 -21.18 16.96 13.05
N ARG A 72 -21.09 17.58 14.23
CA ARG A 72 -20.97 16.77 15.44
C ARG A 72 -22.15 15.81 15.57
N HIS A 73 -23.32 16.22 15.18
CA HIS A 73 -24.49 15.38 15.27
C HIS A 73 -24.42 14.17 14.41
N LYS A 74 -24.15 14.34 13.13
CA LYS A 74 -24.08 13.20 12.23
C LYS A 74 -22.93 12.28 12.59
N LEU A 75 -21.82 12.84 13.09
CA LEU A 75 -20.66 12.02 13.43
C LEU A 75 -20.87 11.21 14.70
N GLU A 76 -21.51 11.81 15.72
CA GLU A 76 -21.84 11.11 16.97
C GLU A 76 -23.13 10.31 16.86
N LYS A 77 -23.74 10.27 15.68
CA LYS A 77 -24.83 9.34 15.40
C LYS A 77 -24.39 7.89 15.43
N GLU A 78 -23.11 7.60 15.20
CA GLU A 78 -22.63 6.23 15.21
C GLU A 78 -21.93 5.86 16.51
N LYS A 79 -21.37 6.84 17.24
CA LYS A 79 -20.88 6.59 18.59
C LYS A 79 -21.98 6.03 19.48
N GLU A 88 -9.59 10.46 17.13
CA GLU A 88 -8.49 11.27 16.62
C GLU A 88 -9.02 12.25 15.57
N VAL A 89 -10.06 12.99 15.93
CA VAL A 89 -10.79 13.84 15.01
C VAL A 89 -10.38 15.29 15.21
N ALA A 90 -10.01 15.98 14.13
CA ALA A 90 -9.68 17.39 14.22
C ALA A 90 -10.94 18.24 14.15
N TRP A 91 -11.08 19.17 15.08
CA TRP A 91 -12.28 19.98 15.19
C TRP A 91 -12.00 21.41 14.74
N VAL A 92 -12.79 21.88 13.78
CA VAL A 92 -12.84 23.29 13.41
C VAL A 92 -13.83 23.98 14.32
N THR A 93 -13.40 25.06 14.97
CA THR A 93 -14.21 25.78 15.94
C THR A 93 -14.39 27.25 15.63
N HIS A 94 -13.58 27.83 14.74
CA HIS A 94 -13.56 29.27 14.50
C HIS A 94 -13.27 29.57 13.03
N TYR A 95 -13.86 30.66 12.55
CA TYR A 95 -13.51 31.24 11.26
C TYR A 95 -12.80 32.56 11.57
N GLY A 96 -11.47 32.53 11.52
CA GLY A 96 -10.67 33.65 12.00
C GLY A 96 -11.08 34.03 13.42
N ASP A 97 -11.67 35.21 13.54
CA ASP A 97 -12.16 35.68 14.84
C ASP A 97 -13.42 34.94 15.26
N SER A 98 -14.38 34.83 14.35
CA SER A 98 -15.73 34.43 14.71
C SER A 98 -15.77 32.98 15.20
N PRO A 99 -16.49 32.70 16.29
CA PRO A 99 -16.68 31.31 16.70
C PRO A 99 -17.76 30.64 15.86
N LEU A 100 -17.65 29.32 15.75
CA LEU A 100 -18.70 28.61 15.03
C LEU A 100 -19.87 28.35 15.96
N PRO A 101 -21.12 28.48 15.46
CA PRO A 101 -22.28 28.12 16.30
C PRO A 101 -22.18 26.71 16.82
N GLU A 102 -21.80 25.77 15.96
CA GLU A 102 -21.50 24.41 16.37
C GLU A 102 -20.22 23.96 15.66
N LYS A 103 -19.28 23.41 16.43
CA LYS A 103 -18.02 22.97 15.85
C LYS A 103 -18.23 21.83 14.86
N ILE A 104 -17.41 21.80 13.82
CA ILE A 104 -17.49 20.80 12.77
C ILE A 104 -16.19 20.01 12.72
N ALA A 105 -16.27 18.73 12.36
CA ALA A 105 -15.10 17.87 12.31
C ALA A 105 -14.58 17.68 10.88
N ILE A 106 -13.28 17.51 10.76
CA ILE A 106 -12.70 17.07 9.48
C ILE A 106 -12.80 15.56 9.40
N ARG A 107 -13.21 15.07 8.22
CA ARG A 107 -13.47 13.65 8.02
C ARG A 107 -12.23 12.81 8.39
N PRO A 108 -12.39 11.81 9.26
CA PRO A 108 -11.38 10.76 9.36
C PRO A 108 -11.67 9.57 8.45
N THR A 109 -12.87 9.55 7.90
CA THR A 109 -13.54 8.53 7.09
C THR A 109 -14.92 9.11 6.86
N SER A 110 -15.64 8.63 5.84
CA SER A 110 -16.81 9.36 5.34
C SER A 110 -18.12 8.58 5.46
N GLU A 111 -18.17 7.50 6.24
CA GLU A 111 -19.41 6.77 6.42
C GLU A 111 -20.53 7.72 6.90
N THR A 112 -20.24 8.53 7.94
CA THR A 112 -21.28 9.39 8.51
C THR A 112 -21.58 10.61 7.66
N ILE A 113 -20.74 10.90 6.67
CA ILE A 113 -20.96 11.99 5.72
C ILE A 113 -21.85 11.51 4.59
N MET A 114 -21.61 10.30 4.10
CA MET A 114 -22.27 9.81 2.90
C MET A 114 -23.58 9.11 3.17
N TYR A 115 -23.70 8.42 4.29
CA TYR A 115 -24.82 7.50 4.46
C TYR A 115 -26.16 8.20 4.70
N PRO A 116 -26.21 9.42 5.27
CA PRO A 116 -27.48 10.17 5.20
C PRO A 116 -27.93 10.39 3.77
N ALA A 117 -26.99 10.73 2.86
CA ALA A 117 -27.36 10.90 1.46
C ALA A 117 -27.86 9.57 0.89
N TYR A 118 -27.17 8.48 1.19
CA TYR A 118 -27.62 7.15 0.76
C TYR A 118 -29.06 6.89 1.20
N ALA A 119 -29.36 7.16 2.48
CA ALA A 119 -30.72 6.97 2.97
C ALA A 119 -31.72 7.79 2.17
N LYS A 120 -31.31 8.98 1.71
CA LYS A 120 -32.26 9.73 0.88
C LYS A 120 -32.39 9.14 -0.52
N TRP A 121 -31.28 8.67 -1.11
CA TRP A 121 -31.24 8.26 -2.51
C TRP A 121 -31.81 6.87 -2.73
N ILE A 122 -31.72 5.97 -1.76
CA ILE A 122 -32.19 4.60 -1.93
C ILE A 122 -33.65 4.54 -1.51
N ARG A 123 -34.53 4.18 -2.44
CA ARG A 123 -35.95 4.00 -2.17
C ARG A 123 -36.44 2.62 -2.57
N SER A 124 -36.07 2.16 -3.76
CA SER A 124 -36.57 0.93 -4.34
C SER A 124 -35.40 -0.01 -4.63
N HIS A 125 -35.74 -1.29 -4.79
CA HIS A 125 -34.74 -2.28 -5.19
C HIS A 125 -34.11 -1.92 -6.52
N ARG A 126 -34.83 -1.17 -7.37
CA ARG A 126 -34.28 -0.73 -8.63
C ARG A 126 -33.21 0.35 -8.48
N ASP A 127 -33.02 0.88 -7.26
CA ASP A 127 -31.94 1.82 -6.98
C ASP A 127 -30.66 1.13 -6.56
N LEU A 128 -30.65 -0.19 -6.50
CA LEU A 128 -29.54 -0.96 -6.00
C LEU A 128 -29.02 -1.85 -7.13
N PRO A 129 -27.72 -2.16 -7.14
CA PRO A 129 -26.72 -1.67 -6.18
C PRO A 129 -26.33 -0.22 -6.38
N LEU A 130 -26.00 0.47 -5.29
CA LEU A 130 -25.45 1.82 -5.35
C LEU A 130 -23.96 1.71 -5.05
N LYS A 131 -23.12 2.20 -5.95
CA LYS A 131 -21.67 2.02 -5.84
C LYS A 131 -20.95 3.35 -6.04
N LEU A 132 -20.37 3.93 -4.99
CA LEU A 132 -19.70 5.20 -5.13
C LEU A 132 -18.29 5.12 -4.57
N ASN A 133 -17.40 5.94 -5.13
CA ASN A 133 -16.03 6.03 -4.63
C ASN A 133 -15.63 7.49 -4.60
N GLN A 134 -14.66 7.82 -3.75
CA GLN A 134 -14.05 9.15 -3.87
C GLN A 134 -12.55 9.07 -3.58
N TRP A 135 -11.81 9.94 -4.28
CA TRP A 135 -10.38 10.17 -4.08
C TRP A 135 -10.24 11.47 -3.30
N CYS A 136 -9.66 11.41 -2.12
CA CYS A 136 -9.54 12.65 -1.32
C CYS A 136 -8.48 12.41 -0.27
N SER A 137 -8.36 13.32 0.69
CA SER A 137 -7.54 12.99 1.85
C SER A 137 -8.44 12.94 3.07
N VAL A 138 -7.96 12.21 4.09
CA VAL A 138 -8.58 12.24 5.40
C VAL A 138 -7.50 12.55 6.44
N VAL A 139 -7.97 12.88 7.64
CA VAL A 139 -7.16 13.38 8.76
C VAL A 139 -7.46 12.51 9.97
N ARG A 140 -6.45 11.77 10.43
CA ARG A 140 -6.51 11.00 11.67
C ARG A 140 -5.39 11.50 12.58
N TRP A 141 -5.77 12.23 13.62
CA TRP A 141 -4.81 13.09 14.31
C TRP A 141 -4.32 12.40 15.59
N GLU A 142 -3.34 11.51 15.43
CA GLU A 142 -2.72 10.86 16.57
C GLU A 142 -1.57 11.71 17.11
N PHE A 143 -1.40 11.71 18.42
CA PHE A 143 -0.29 12.41 19.04
C PHE A 143 1.00 11.63 19.01
N LYS A 144 1.00 10.44 18.41
CA LYS A 144 2.21 9.63 18.32
C LYS A 144 3.08 10.11 17.15
N GLN A 145 4.33 9.63 17.14
CA GLN A 145 5.25 10.11 16.11
C GLN A 145 4.92 9.48 14.77
N PRO A 146 4.91 10.26 13.70
CA PRO A 146 4.50 9.73 12.38
C PRO A 146 5.62 8.93 11.74
N THR A 147 5.24 8.18 10.69
CA THR A 147 6.22 7.54 9.81
C THR A 147 5.84 7.96 8.39
N PRO A 148 6.77 8.51 7.62
CA PRO A 148 6.46 8.87 6.24
C PRO A 148 5.78 7.73 5.48
N PHE A 149 4.69 8.08 4.79
CA PHE A 149 3.79 7.19 4.04
C PHE A 149 2.98 6.25 4.92
N LEU A 150 3.63 5.60 5.90
CA LEU A 150 2.98 4.48 6.59
C LEU A 150 1.93 4.95 7.58
N ARG A 151 2.25 6.00 8.33
CA ARG A 151 1.39 6.51 9.41
C ARG A 151 1.53 8.01 9.44
N THR A 152 0.57 8.70 8.83
CA THR A 152 0.60 10.15 8.75
C THR A 152 -0.75 10.70 9.19
N ARG A 153 -0.72 11.96 9.65
CA ARG A 153 -1.93 12.55 10.20
C ARG A 153 -2.90 12.98 9.12
N GLU A 154 -2.40 13.38 7.97
CA GLU A 154 -3.20 13.51 6.76
C GLU A 154 -2.69 12.48 5.75
N PHE A 155 -3.61 11.80 5.07
CA PHE A 155 -3.17 10.95 3.97
C PHE A 155 -4.19 10.96 2.85
N LEU A 156 -3.66 10.84 1.62
CA LEU A 156 -4.48 10.66 0.44
C LEU A 156 -4.98 9.23 0.40
N TRP A 157 -6.22 9.04 -0.04
CA TRP A 157 -6.72 7.69 -0.19
C TRP A 157 -7.83 7.69 -1.24
N GLN A 158 -8.40 6.53 -1.37
CA GLN A 158 -9.66 6.34 -2.00
C GLN A 158 -10.51 5.60 -0.98
N GLU A 159 -11.79 5.91 -0.93
CA GLU A 159 -12.75 5.15 -0.15
C GLU A 159 -13.98 4.90 -1.02
N GLY A 160 -14.34 3.63 -1.18
CA GLY A 160 -15.53 3.22 -1.89
C GLY A 160 -16.57 2.71 -0.91
N HIS A 161 -17.84 2.98 -1.22
CA HIS A 161 -18.95 2.69 -0.35
C HIS A 161 -20.07 2.15 -1.23
N THR A 162 -20.47 0.90 -1.02
CA THR A 162 -21.55 0.33 -1.80
C THR A 162 -22.67 -0.17 -0.90
N ALA A 163 -23.85 -0.31 -1.52
CA ALA A 163 -25.08 -0.76 -0.90
C ALA A 163 -25.76 -1.72 -1.85
N HIS A 164 -26.26 -2.83 -1.30
CA HIS A 164 -26.81 -3.92 -2.08
C HIS A 164 -28.10 -4.41 -1.44
N ALA A 165 -28.89 -5.13 -2.24
CA ALA A 165 -30.14 -5.69 -1.75
C ALA A 165 -29.95 -6.93 -0.89
N THR A 166 -28.80 -7.60 -0.97
CA THR A 166 -28.56 -8.83 -0.24
C THR A 166 -27.16 -8.82 0.35
N GLU A 167 -27.01 -9.57 1.44
CA GLU A 167 -25.70 -9.73 2.06
C GLU A 167 -24.73 -10.42 1.12
N GLU A 168 -25.21 -11.40 0.35
CA GLU A 168 -24.28 -12.18 -0.47
C GLU A 168 -23.69 -11.35 -1.60
N GLU A 169 -24.49 -10.46 -2.19
CA GLU A 169 -23.97 -9.56 -3.21
C GLU A 169 -22.95 -8.60 -2.62
N ALA A 170 -23.23 -8.07 -1.43
CA ALA A 170 -22.29 -7.16 -0.79
C ALA A 170 -20.98 -7.89 -0.48
N TRP A 171 -21.06 -9.13 -0.01
CA TRP A 171 -19.88 -9.92 0.31
C TRP A 171 -19.04 -10.23 -0.93
N GLU A 172 -19.69 -10.64 -2.01
CA GLU A 172 -18.96 -10.85 -3.26
C GLU A 172 -18.26 -9.57 -3.71
N LEU A 173 -18.87 -8.40 -3.45
CA LEU A 173 -18.19 -7.15 -3.80
C LEU A 173 -16.98 -6.93 -2.89
N VAL A 174 -17.14 -7.13 -1.57
CA VAL A 174 -16.01 -7.02 -0.64
C VAL A 174 -14.82 -7.81 -1.16
N LEU A 175 -15.09 -9.03 -1.62
CA LEU A 175 -14.02 -9.93 -2.05
C LEU A 175 -13.41 -9.47 -3.36
N ASP A 176 -14.24 -8.98 -4.29
CA ASP A 176 -13.73 -8.47 -5.56
C ASP A 176 -12.79 -7.30 -5.34
N ILE A 177 -13.15 -6.40 -4.42
CA ILE A 177 -12.30 -5.26 -4.12
C ILE A 177 -11.01 -5.72 -3.47
N LEU A 178 -11.08 -6.67 -2.53
CA LEU A 178 -9.87 -7.19 -1.90
C LEU A 178 -8.93 -7.78 -2.94
N GLU A 179 -9.49 -8.41 -3.99
CA GLU A 179 -8.68 -8.91 -5.09
C GLU A 179 -8.02 -7.76 -5.86
N LEU A 180 -8.77 -6.67 -6.06
CA LEU A 180 -8.15 -5.48 -6.66
C LEU A 180 -7.02 -4.94 -5.81
N TYR A 181 -7.16 -4.96 -4.47
CA TYR A 181 -6.08 -4.48 -3.62
C TYR A 181 -4.87 -5.42 -3.71
N ARG A 182 -5.13 -6.72 -3.81
CA ARG A 182 -4.03 -7.66 -4.02
C ARG A 182 -3.31 -7.34 -5.31
N ARG A 183 -4.05 -6.98 -6.36
CA ARG A 183 -3.40 -6.63 -7.62
C ARG A 183 -2.69 -5.28 -7.53
N TRP A 184 -3.29 -4.31 -6.83
CA TRP A 184 -2.63 -3.04 -6.55
C TRP A 184 -1.23 -3.27 -5.99
N TYR A 185 -1.13 -4.15 -4.97
CA TYR A 185 0.17 -4.35 -4.35
C TYR A 185 1.05 -5.28 -5.17
N GLU A 186 0.52 -6.44 -5.56
CA GLU A 186 1.33 -7.47 -6.16
C GLU A 186 1.63 -7.19 -7.63
N GLU A 187 0.61 -6.78 -8.39
CA GLU A 187 0.74 -6.57 -9.83
C GLU A 187 1.48 -5.27 -10.17
N CYS A 188 1.10 -4.16 -9.54
CA CYS A 188 1.73 -2.87 -9.83
C CYS A 188 3.00 -2.65 -9.03
N LEU A 189 2.93 -2.88 -7.71
CA LEU A 189 4.00 -2.55 -6.79
C LEU A 189 4.93 -3.70 -6.50
N ALA A 190 4.62 -4.90 -6.99
CA ALA A 190 5.45 -6.08 -6.81
C ALA A 190 5.66 -6.42 -5.32
N VAL A 191 4.71 -6.08 -4.46
CA VAL A 191 4.76 -6.39 -3.04
C VAL A 191 3.85 -7.58 -2.76
N PRO A 192 4.32 -8.64 -2.14
CA PRO A 192 3.44 -9.77 -1.83
C PRO A 192 2.60 -9.50 -0.59
N VAL A 193 1.33 -9.92 -0.63
CA VAL A 193 0.43 -9.69 0.50
C VAL A 193 -0.38 -10.95 0.78
N ILE A 194 -0.91 -11.00 1.99
CA ILE A 194 -1.72 -12.12 2.47
C ILE A 194 -3.16 -11.64 2.66
N LYS A 195 -4.10 -12.26 1.94
CA LYS A 195 -5.52 -12.01 2.16
C LYS A 195 -5.96 -12.69 3.44
N GLY A 196 -6.65 -11.95 4.30
CA GLY A 196 -7.24 -12.60 5.46
C GLY A 196 -8.42 -11.84 6.00
N GLU A 197 -9.02 -12.42 7.04
CA GLU A 197 -10.09 -11.81 7.80
C GLU A 197 -9.52 -11.29 9.12
N LYS A 198 -9.93 -10.09 9.52
CA LYS A 198 -9.49 -9.55 10.80
C LYS A 198 -10.27 -10.18 11.94
N SER A 199 -9.64 -10.27 13.11
CA SER A 199 -10.32 -10.80 14.29
C SER A 199 -11.44 -9.85 14.71
N GLU A 200 -12.29 -10.36 15.59
CA GLU A 200 -13.43 -9.56 16.06
C GLU A 200 -12.95 -8.30 16.77
N GLY A 201 -11.85 -8.42 17.53
CA GLY A 201 -11.28 -7.28 18.22
C GLY A 201 -10.62 -6.26 17.31
N GLU A 202 -10.23 -6.64 16.10
CA GLU A 202 -9.52 -5.75 15.22
C GLU A 202 -10.37 -5.23 14.05
N LYS A 203 -11.59 -5.73 13.87
CA LYS A 203 -12.36 -5.33 12.70
C LYS A 203 -12.85 -3.89 12.85
N PHE A 204 -13.25 -3.31 11.72
CA PHE A 204 -13.81 -1.97 11.67
C PHE A 204 -14.95 -1.81 12.68
N ALA A 205 -14.90 -0.70 13.42
CA ALA A 205 -15.97 -0.34 14.35
C ALA A 205 -17.33 -0.29 13.63
N GLY A 206 -18.30 -1.04 14.13
CA GLY A 206 -19.63 -1.03 13.54
C GLY A 206 -19.82 -1.93 12.33
N GLY A 207 -18.76 -2.51 11.76
CA GLY A 207 -18.94 -3.43 10.67
C GLY A 207 -19.27 -4.84 11.14
N LYS A 208 -19.58 -5.71 10.18
CA LYS A 208 -19.80 -7.12 10.49
C LYS A 208 -18.52 -7.94 10.32
N LYS A 209 -17.82 -7.77 9.21
CA LYS A 209 -16.60 -8.53 8.91
C LYS A 209 -15.63 -7.67 8.10
N THR A 210 -14.40 -7.59 8.58
CA THR A 210 -13.35 -6.81 7.93
C THR A 210 -12.35 -7.77 7.31
N THR A 211 -12.13 -7.64 6.00
CA THR A 211 -11.08 -8.38 5.33
C THR A 211 -9.94 -7.42 5.01
N THR A 212 -8.77 -7.99 4.79
CA THR A 212 -7.57 -7.17 4.67
C THR A 212 -6.56 -7.90 3.80
N VAL A 213 -5.66 -7.13 3.20
CA VAL A 213 -4.40 -7.68 2.70
C VAL A 213 -3.31 -7.17 3.60
N GLU A 214 -2.40 -8.06 4.00
CA GLU A 214 -1.36 -7.76 4.96
C GLU A 214 0.00 -7.91 4.30
N ALA A 215 0.90 -6.97 4.60
CA ALA A 215 2.25 -7.00 4.09
C ALA A 215 3.23 -7.09 5.27
N PHE A 216 4.51 -7.31 4.96
CA PHE A 216 5.50 -7.61 6.00
C PHE A 216 6.79 -6.84 5.75
N ILE A 217 7.31 -6.21 6.80
CA ILE A 217 8.56 -5.46 6.74
C ILE A 217 9.61 -6.26 7.48
N PRO A 218 10.46 -6.98 6.74
CA PRO A 218 11.45 -7.89 7.38
C PRO A 218 12.39 -7.17 8.34
N GLU A 219 12.82 -5.95 8.01
CA GLU A 219 13.90 -5.29 8.75
C GLU A 219 13.52 -4.96 10.17
N ASN A 220 12.23 -4.77 10.46
CA ASN A 220 11.79 -4.60 11.84
C ASN A 220 10.82 -5.69 12.28
N GLY A 221 10.52 -6.66 11.41
CA GLY A 221 9.68 -7.79 11.79
C GLY A 221 8.20 -7.48 11.87
N ARG A 222 7.73 -6.41 11.25
CA ARG A 222 6.38 -5.92 11.51
C ARG A 222 5.45 -6.16 10.35
N GLY A 223 4.26 -6.67 10.66
CA GLY A 223 3.18 -6.66 9.71
C GLY A 223 2.59 -5.28 9.58
N ILE A 224 1.99 -5.02 8.43
CA ILE A 224 1.29 -3.77 8.20
C ILE A 224 0.03 -4.05 7.38
N GLN A 225 -1.07 -3.43 7.78
CA GLN A 225 -2.36 -3.56 7.10
C GLN A 225 -2.29 -2.74 5.83
N ALA A 226 -2.12 -3.43 4.69
CA ALA A 226 -1.91 -2.75 3.42
C ALA A 226 -3.17 -2.09 2.89
N ALA A 227 -4.34 -2.70 3.12
CA ALA A 227 -5.59 -2.15 2.64
C ALA A 227 -6.71 -2.94 3.28
N THR A 228 -7.93 -2.43 3.18
CA THR A 228 -9.02 -3.00 3.94
C THR A 228 -10.31 -2.96 3.13
N SER A 229 -11.10 -4.03 3.23
CA SER A 229 -12.41 -4.12 2.59
C SER A 229 -13.41 -4.66 3.60
N HIS A 230 -14.41 -3.85 3.95
CA HIS A 230 -15.32 -4.19 5.04
C HIS A 230 -16.68 -4.61 4.51
N LEU A 231 -17.16 -5.75 5.02
CA LEU A 231 -18.59 -6.03 4.98
C LEU A 231 -19.23 -5.30 6.14
N LEU A 232 -19.99 -4.25 5.84
CA LEU A 232 -20.70 -3.54 6.88
C LEU A 232 -22.03 -4.19 7.18
N GLY A 233 -22.55 -4.99 6.25
CA GLY A 233 -23.84 -5.63 6.52
C GLY A 233 -24.95 -4.60 6.64
N THR A 234 -25.87 -4.82 7.58
CA THR A 234 -26.98 -3.91 7.79
C THR A 234 -26.76 -2.96 8.97
N ASN A 235 -25.58 -2.97 9.61
CA ASN A 235 -25.40 -2.18 10.84
C ASN A 235 -25.49 -0.69 10.56
N PHE A 236 -24.76 -0.22 9.54
CA PHE A 236 -24.88 1.19 9.19
C PHE A 236 -26.25 1.51 8.62
N ALA A 237 -26.86 0.54 7.93
CA ALA A 237 -28.19 0.76 7.38
C ALA A 237 -29.19 1.01 8.50
N LYS A 238 -29.04 0.31 9.64
CA LYS A 238 -29.91 0.58 10.78
C LYS A 238 -29.62 1.93 11.40
N MET A 239 -28.34 2.27 11.57
CA MET A 239 -28.05 3.56 12.18
C MET A 239 -28.54 4.74 11.32
N PHE A 240 -28.50 4.61 9.99
CA PHE A 240 -28.91 5.72 9.12
C PHE A 240 -30.24 5.51 8.41
N GLU A 241 -30.98 4.44 8.71
CA GLU A 241 -32.28 4.15 8.09
C GLU A 241 -32.19 4.15 6.57
N ILE A 242 -31.31 3.29 6.05
CA ILE A 242 -31.16 3.10 4.61
C ILE A 242 -31.93 1.84 4.26
N GLU A 243 -33.10 2.03 3.66
CA GLU A 243 -34.00 0.92 3.36
C GLU A 243 -34.54 1.08 1.94
N PHE A 244 -34.83 -0.06 1.33
CA PHE A 244 -35.37 -0.13 -0.02
C PHE A 244 -36.61 -0.98 0.01
N GLU A 245 -37.46 -0.78 -1.00
CA GLU A 245 -38.69 -1.55 -1.15
C GLU A 245 -38.47 -2.67 -2.16
N ASP A 246 -38.88 -3.89 -1.80
CA ASP A 246 -38.90 -4.95 -2.81
C ASP A 246 -40.08 -4.73 -3.75
N GLU A 247 -40.19 -5.59 -4.78
CA GLU A 247 -41.32 -5.48 -5.69
C GLU A 247 -42.65 -5.78 -5.02
N GLU A 248 -42.62 -6.35 -3.80
CA GLU A 248 -43.84 -6.56 -3.03
C GLU A 248 -44.21 -5.37 -2.16
N GLY A 249 -43.28 -4.45 -1.89
CA GLY A 249 -43.57 -3.25 -1.12
C GLY A 249 -43.10 -3.26 0.31
N HIS A 250 -42.45 -4.33 0.77
CA HIS A 250 -41.90 -4.38 2.11
C HIS A 250 -40.52 -3.70 2.14
N LYS A 251 -40.33 -2.81 3.10
CA LYS A 251 -39.07 -2.12 3.25
C LYS A 251 -38.06 -3.03 3.95
N ARG A 252 -36.86 -3.08 3.41
CA ARG A 252 -35.80 -3.90 3.90
C ARG A 252 -34.47 -3.13 3.99
N LEU A 253 -33.61 -3.46 4.96
CA LEU A 253 -32.34 -2.79 5.13
C LEU A 253 -31.36 -3.16 4.03
N VAL A 254 -30.62 -2.17 3.52
CA VAL A 254 -29.58 -2.46 2.54
C VAL A 254 -28.36 -3.08 3.24
N HIS A 255 -27.51 -3.73 2.45
CA HIS A 255 -26.32 -4.41 2.94
C HIS A 255 -25.12 -3.70 2.32
N GLN A 256 -24.20 -3.24 3.16
CA GLN A 256 -23.22 -2.27 2.71
C GLN A 256 -21.81 -2.79 2.85
N THR A 257 -20.95 -2.15 2.06
CA THR A 257 -19.50 -2.32 2.09
C THR A 257 -18.85 -0.95 2.10
N SER A 258 -17.64 -0.89 2.68
CA SER A 258 -16.76 0.23 2.46
C SER A 258 -15.33 -0.31 2.41
N TRP A 259 -14.47 0.40 1.69
CA TRP A 259 -13.15 -0.14 1.37
C TRP A 259 -12.20 1.00 1.03
N GLY A 260 -10.95 0.86 1.42
CA GLY A 260 -10.05 2.00 1.42
C GLY A 260 -8.61 1.60 1.19
N CYS A 261 -7.86 2.51 0.57
CA CYS A 261 -6.42 2.20 0.45
C CYS A 261 -5.73 3.53 0.23
N THR A 262 -4.46 3.65 0.67
CA THR A 262 -3.86 4.95 0.92
C THR A 262 -2.41 4.99 0.39
N THR A 263 -1.79 6.16 0.49
CA THR A 263 -0.37 6.31 0.14
C THR A 263 0.55 5.49 1.03
N ARG A 264 0.01 4.84 2.07
CA ARG A 264 0.79 3.84 2.79
C ARG A 264 1.39 2.83 1.81
N SER A 265 0.65 2.52 0.74
CA SER A 265 1.14 1.56 -0.24
C SER A 265 2.50 1.98 -0.80
N LEU A 266 2.70 3.28 -1.05
CA LEU A 266 4.03 3.72 -1.53
C LEU A 266 5.11 3.41 -0.51
N GLY A 267 4.86 3.70 0.76
CA GLY A 267 5.85 3.37 1.78
C GLY A 267 6.20 1.90 1.74
N VAL A 268 5.18 1.04 1.56
CA VAL A 268 5.43 -0.39 1.63
C VAL A 268 6.26 -0.81 0.43
N MET A 269 6.04 -0.19 -0.72
CA MET A 269 6.85 -0.51 -1.88
C MET A 269 8.31 -0.11 -1.65
N ILE A 270 8.52 1.07 -1.05
CA ILE A 270 9.90 1.56 -0.88
C ILE A 270 10.68 0.58 -0.02
N MET A 271 10.18 0.35 1.20
CA MET A 271 10.78 -0.60 2.11
C MET A 271 10.94 -1.98 1.50
N THR A 272 10.01 -2.40 0.64
CA THR A 272 10.14 -3.76 0.12
C THR A 272 11.32 -3.86 -0.84
N HIS A 273 11.48 -2.88 -1.74
CA HIS A 273 12.41 -3.11 -2.83
C HIS A 273 13.72 -2.35 -2.70
N GLY A 274 13.78 -1.35 -1.83
CA GLY A 274 14.95 -0.50 -1.77
C GLY A 274 16.19 -1.28 -1.35
N ASP A 275 17.37 -0.71 -1.64
CA ASP A 275 18.63 -1.34 -1.21
C ASP A 275 19.55 -0.24 -0.68
N ASP A 276 20.80 -0.62 -0.44
CA ASP A 276 21.75 0.32 0.15
C ASP A 276 22.05 1.50 -0.76
N LYS A 277 21.79 1.40 -2.07
CA LYS A 277 21.95 2.59 -2.90
C LYS A 277 20.71 3.45 -2.97
N GLY A 278 19.57 3.01 -2.43
CA GLY A 278 18.39 3.85 -2.43
C GLY A 278 17.15 3.14 -2.94
N LEU A 279 16.28 3.88 -3.62
CA LEU A 279 15.02 3.31 -4.08
C LEU A 279 15.26 2.31 -5.21
N VAL A 280 14.30 1.40 -5.36
CA VAL A 280 14.19 0.52 -6.52
C VAL A 280 12.69 0.48 -6.86
N ILE A 281 12.30 1.10 -7.97
CA ILE A 281 10.89 1.26 -8.33
C ILE A 281 10.54 0.16 -9.32
N PRO A 282 9.52 -0.66 -9.05
CA PRO A 282 9.09 -1.66 -10.03
C PRO A 282 8.77 -0.98 -11.35
N PRO A 283 9.17 -1.59 -12.48
CA PRO A 283 8.94 -0.93 -13.79
C PRO A 283 7.49 -0.56 -14.07
N ARG A 284 6.53 -1.31 -13.55
CA ARG A 284 5.14 -1.03 -13.88
C ARG A 284 4.63 0.27 -13.28
N VAL A 285 5.31 0.85 -12.30
CA VAL A 285 4.91 2.14 -11.75
C VAL A 285 5.99 3.20 -11.82
N ALA A 286 7.19 2.87 -12.33
CA ALA A 286 8.23 3.89 -12.47
C ALA A 286 7.78 4.91 -13.51
N SER A 287 7.80 6.19 -13.13
CA SER A 287 7.51 7.25 -14.10
C SER A 287 8.60 7.36 -15.16
N VAL A 288 9.85 7.07 -14.80
CA VAL A 288 10.94 6.87 -15.75
C VAL A 288 11.35 5.40 -15.67
N GLN A 289 11.09 4.65 -16.73
CA GLN A 289 11.53 3.26 -16.82
C GLN A 289 12.95 3.15 -17.32
N VAL A 290 13.32 3.95 -18.31
CA VAL A 290 14.64 3.93 -18.91
C VAL A 290 15.18 5.34 -18.89
N VAL A 291 16.35 5.53 -18.28
CA VAL A 291 17.08 6.78 -18.37
C VAL A 291 18.24 6.59 -19.35
N ILE A 292 18.30 7.45 -20.35
CA ILE A 292 19.33 7.40 -21.39
C ILE A 292 20.42 8.38 -20.99
N ILE A 293 21.63 7.89 -20.82
CA ILE A 293 22.78 8.69 -20.42
C ILE A 293 23.81 8.66 -21.54
N PRO A 294 23.89 9.72 -22.34
CA PRO A 294 24.93 9.77 -23.35
C PRO A 294 26.27 10.04 -22.68
N ILE A 295 27.30 9.37 -23.17
CA ILE A 295 28.66 9.75 -22.82
C ILE A 295 29.06 10.92 -23.68
N LEU A 296 29.64 11.95 -23.06
CA LEU A 296 29.89 13.24 -23.72
C LEU A 296 31.33 13.69 -23.50
N PHE A 297 32.27 12.88 -23.98
CA PHE A 297 33.65 13.32 -24.11
C PHE A 297 33.72 14.66 -24.83
N LYS A 298 34.71 15.48 -24.45
CA LYS A 298 34.96 16.72 -25.19
C LYS A 298 35.41 16.42 -26.61
N ASP A 299 36.11 15.31 -26.82
CA ASP A 299 36.72 14.97 -28.11
C ASP A 299 35.85 13.95 -28.83
N GLU A 300 34.60 14.33 -29.10
CA GLU A 300 33.67 13.43 -29.78
C GLU A 300 32.64 14.26 -30.51
N ASN A 301 31.92 13.60 -31.42
CA ASN A 301 30.78 14.21 -32.11
C ASN A 301 29.59 14.14 -31.17
N THR A 302 29.44 15.17 -30.33
CA THR A 302 28.38 15.16 -29.33
C THR A 302 27.00 15.26 -29.98
N GLY A 303 26.87 16.07 -31.04
CA GLY A 303 25.60 16.18 -31.74
C GLY A 303 25.10 14.85 -32.25
N GLU A 304 26.00 14.07 -32.86
CA GLU A 304 25.66 12.72 -33.29
C GLU A 304 25.16 11.86 -32.13
N ILE A 305 25.92 11.83 -31.03
CA ILE A 305 25.55 11.01 -29.89
C ILE A 305 24.16 11.39 -29.37
N LEU A 306 23.90 12.69 -29.25
CA LEU A 306 22.62 13.12 -28.70
C LEU A 306 21.48 12.85 -29.68
N GLY A 307 21.73 13.01 -30.99
CA GLY A 307 20.70 12.72 -31.97
C GLY A 307 20.33 11.25 -31.98
N LYS A 308 21.31 10.38 -31.78
CA LYS A 308 21.00 8.96 -31.67
C LYS A 308 20.21 8.67 -30.39
N CYS A 309 20.52 9.38 -29.30
CA CYS A 309 19.72 9.19 -28.07
C CYS A 309 18.26 9.60 -28.29
N ARG A 310 18.03 10.69 -29.03
CA ARG A 310 16.66 11.09 -29.34
C ARG A 310 15.97 10.07 -30.23
N GLU A 311 16.69 9.52 -31.22
CA GLU A 311 16.11 8.46 -32.04
C GLU A 311 15.71 7.27 -31.17
N LEU A 312 16.61 6.82 -30.30
CA LEU A 312 16.32 5.67 -29.44
C LEU A 312 15.12 5.96 -28.53
N LYS A 313 15.04 7.20 -28.01
CA LYS A 313 13.92 7.59 -27.18
C LYS A 313 12.60 7.46 -27.95
N THR A 314 12.58 7.94 -29.20
CA THR A 314 11.38 7.85 -30.03
C THR A 314 11.00 6.40 -30.27
N MET A 315 11.99 5.59 -30.66
CA MET A 315 11.78 4.17 -30.92
C MET A 315 11.22 3.46 -29.68
N LEU A 316 11.75 3.75 -28.50
CA LEU A 316 11.28 3.06 -27.31
C LEU A 316 9.87 3.52 -26.93
N GLU A 317 9.60 4.82 -27.06
CA GLU A 317 8.30 5.35 -26.67
C GLU A 317 7.19 4.88 -27.59
N LYS A 318 7.52 4.54 -28.85
CA LYS A 318 6.55 3.83 -29.69
C LYS A 318 6.21 2.45 -29.13
N ALA A 319 7.07 1.87 -28.30
CA ALA A 319 6.72 0.65 -27.57
C ALA A 319 6.12 0.94 -26.20
N ASP A 320 5.71 2.18 -25.95
CA ASP A 320 5.11 2.63 -24.70
C ASP A 320 6.07 2.54 -23.52
N ILE A 321 7.36 2.65 -23.77
CA ILE A 321 8.35 2.69 -22.70
C ILE A 321 8.54 4.14 -22.28
N ARG A 322 8.61 4.40 -20.98
CA ARG A 322 8.76 5.75 -20.45
C ARG A 322 10.24 6.09 -20.32
N VAL A 323 10.72 7.04 -21.14
CA VAL A 323 12.14 7.32 -21.30
C VAL A 323 12.43 8.77 -20.92
N ARG A 324 13.53 8.98 -20.22
CA ARG A 324 14.10 10.32 -20.07
C ARG A 324 15.55 10.28 -20.51
N ILE A 325 15.98 11.33 -21.24
CA ILE A 325 17.39 11.53 -21.56
C ILE A 325 17.99 12.53 -20.57
N ASP A 326 19.07 12.15 -19.91
CA ASP A 326 19.83 13.08 -19.05
C ASP A 326 21.08 13.48 -19.83
N ASP A 327 20.98 14.58 -20.59
CA ASP A 327 22.06 15.09 -21.42
C ASP A 327 22.80 16.28 -20.78
N ARG A 328 22.74 16.42 -19.46
CA ARG A 328 23.37 17.56 -18.80
C ARG A 328 24.90 17.48 -18.91
N SER A 329 25.51 18.51 -19.48
CA SER A 329 26.95 18.49 -19.65
C SER A 329 27.70 18.74 -18.34
N ASN A 330 27.05 19.34 -17.34
CA ASN A 330 27.79 19.76 -16.15
C ASN A 330 27.90 18.68 -15.09
N TYR A 331 27.41 17.47 -15.36
CA TYR A 331 27.57 16.35 -14.46
C TYR A 331 28.21 15.20 -15.20
N THR A 332 29.16 14.53 -14.53
CA THR A 332 29.81 13.34 -15.06
C THR A 332 28.80 12.19 -15.20
N PRO A 333 29.11 11.19 -16.04
CA PRO A 333 28.24 10.00 -16.07
C PRO A 333 28.20 9.26 -14.75
N GLY A 334 29.28 9.22 -13.97
CA GLY A 334 29.20 8.57 -12.67
C GLY A 334 28.21 9.24 -11.74
N TRP A 335 28.19 10.58 -11.73
CA TRP A 335 27.21 11.33 -10.95
C TRP A 335 25.80 10.93 -11.35
N LYS A 336 25.53 10.89 -12.65
CA LYS A 336 24.20 10.56 -13.16
C LYS A 336 23.82 9.13 -12.84
N TYR A 337 24.77 8.21 -12.94
CA TYR A 337 24.51 6.83 -12.55
C TYR A 337 23.98 6.78 -11.14
N ASN A 338 24.68 7.44 -10.20
CA ASN A 338 24.20 7.42 -8.82
C ASN A 338 22.89 8.19 -8.67
N HIS A 339 22.74 9.31 -9.38
CA HIS A 339 21.54 10.13 -9.23
C HIS A 339 20.29 9.33 -9.56
N TRP A 340 20.29 8.62 -10.68
CA TRP A 340 19.12 7.85 -11.07
C TRP A 340 19.03 6.49 -10.36
N GLU A 341 20.15 5.95 -9.84
CA GLU A 341 20.04 4.77 -8.96
C GLU A 341 19.32 5.13 -7.65
N VAL A 342 19.69 6.28 -7.07
CA VAL A 342 19.04 6.74 -5.84
C VAL A 342 17.54 6.90 -6.04
N LYS A 343 17.13 7.49 -7.16
CA LYS A 343 15.72 7.63 -7.48
C LYS A 343 15.08 6.34 -7.95
N GLY A 344 15.85 5.28 -8.15
CA GLY A 344 15.25 3.97 -8.41
C GLY A 344 14.79 3.71 -9.82
N VAL A 345 15.31 4.45 -10.80
CA VAL A 345 14.92 4.14 -12.19
C VAL A 345 15.37 2.73 -12.52
N PRO A 346 14.51 1.88 -13.10
CA PRO A 346 14.86 0.45 -13.21
C PRO A 346 15.91 0.11 -14.25
N LEU A 347 16.01 0.86 -15.34
CA LEU A 347 16.93 0.54 -16.42
C LEU A 347 17.69 1.81 -16.78
N ARG A 348 19.01 1.69 -16.90
CA ARG A 348 19.84 2.77 -17.36
C ARG A 348 20.45 2.35 -18.71
N LEU A 349 20.38 3.24 -19.69
CA LEU A 349 20.90 2.96 -21.02
C LEU A 349 21.99 3.97 -21.32
N GLU A 350 23.20 3.47 -21.61
CA GLU A 350 24.42 4.25 -21.85
C GLU A 350 24.80 4.15 -23.32
N LEU A 351 25.15 5.31 -23.90
CA LEU A 351 25.44 5.43 -25.33
C LEU A 351 26.60 6.41 -25.53
N GLY A 352 27.75 5.89 -25.99
CA GLY A 352 28.88 6.71 -26.35
C GLY A 352 29.37 6.39 -27.75
N PRO A 353 30.53 6.92 -28.13
CA PRO A 353 31.02 6.72 -29.52
C PRO A 353 31.28 5.26 -29.89
N LYS A 354 31.73 4.43 -28.95
CA LYS A 354 32.00 3.03 -29.28
C LYS A 354 30.71 2.27 -29.53
N ASP A 355 29.71 2.45 -28.66
CA ASP A 355 28.40 1.85 -28.88
C ASP A 355 27.82 2.29 -30.22
N LEU A 356 27.90 3.59 -30.51
CA LEU A 356 27.46 4.10 -31.79
C LEU A 356 28.12 3.37 -32.96
N ALA A 357 29.45 3.27 -32.93
CA ALA A 357 30.16 2.60 -34.02
C ALA A 357 29.75 1.13 -34.14
N LYS A 358 29.38 0.49 -33.03
CA LYS A 358 28.92 -0.89 -33.08
C LYS A 358 27.41 -1.03 -33.27
N GLY A 359 26.66 0.07 -33.25
CA GLY A 359 25.22 -0.03 -33.35
C GLY A 359 24.56 -0.72 -32.18
N THR A 360 25.16 -0.66 -31.00
CA THR A 360 24.58 -1.27 -29.81
C THR A 360 24.39 -0.21 -28.72
N ALA A 361 23.80 -0.62 -27.60
CA ALA A 361 23.69 0.20 -26.41
C ALA A 361 24.02 -0.65 -25.19
N ARG A 362 24.53 -0.02 -24.14
CA ARG A 362 24.76 -0.72 -22.88
C ARG A 362 23.58 -0.45 -21.93
N VAL A 363 23.03 -1.50 -21.35
CA VAL A 363 21.86 -1.36 -20.48
C VAL A 363 22.16 -2.03 -19.15
N VAL A 364 21.89 -1.32 -18.05
CA VAL A 364 22.18 -1.81 -16.71
C VAL A 364 20.88 -1.81 -15.91
N ARG A 365 20.55 -2.95 -15.29
CA ARG A 365 19.32 -3.05 -14.54
C ARG A 365 19.57 -2.71 -13.07
N ARG A 366 18.60 -2.00 -12.49
CA ARG A 366 18.81 -1.36 -11.19
C ARG A 366 18.82 -2.37 -10.05
N ASP A 367 18.09 -3.48 -10.20
CA ASP A 367 17.92 -4.42 -9.09
C ASP A 367 19.19 -5.23 -8.83
N THR A 368 19.82 -5.74 -9.88
CA THR A 368 21.00 -6.58 -9.76
C THR A 368 22.28 -5.94 -10.29
N GLY A 369 22.18 -4.86 -11.06
CA GLY A 369 23.37 -4.29 -11.66
C GLY A 369 23.88 -5.05 -12.87
N GLU A 370 23.15 -6.06 -13.32
CA GLU A 370 23.62 -6.80 -14.49
C GLU A 370 23.54 -5.92 -15.72
N ALA A 371 24.56 -6.03 -16.58
CA ALA A 371 24.67 -5.22 -17.79
C ALA A 371 24.52 -6.08 -19.04
N TYR A 372 23.94 -5.47 -20.07
CA TYR A 372 23.65 -6.10 -21.34
C TYR A 372 24.12 -5.19 -22.47
N GLN A 373 24.52 -5.80 -23.57
CA GLN A 373 24.81 -5.06 -24.80
C GLN A 373 23.75 -5.48 -25.81
N ILE A 374 22.98 -4.51 -26.30
CA ILE A 374 21.80 -4.81 -27.10
C ILE A 374 21.87 -4.03 -28.41
N SER A 375 21.65 -4.71 -29.52
CA SER A 375 21.53 -4.02 -30.80
C SER A 375 20.33 -3.08 -30.78
N TRP A 376 20.45 -1.97 -31.52
CA TRP A 376 19.36 -1.01 -31.55
C TRP A 376 18.06 -1.67 -32.01
N ALA A 377 18.15 -2.52 -33.05
CA ALA A 377 16.97 -3.20 -33.58
C ALA A 377 16.28 -4.04 -32.50
N ASP A 378 17.05 -4.65 -31.60
CA ASP A 378 16.47 -5.49 -30.57
C ASP A 378 16.06 -4.72 -29.33
N LEU A 379 16.35 -3.42 -29.27
CA LEU A 379 16.27 -2.69 -28.00
C LEU A 379 14.86 -2.76 -27.41
N ALA A 380 13.86 -2.30 -28.16
CA ALA A 380 12.52 -2.22 -27.58
C ALA A 380 12.01 -3.58 -27.13
N PRO A 381 12.03 -4.64 -27.95
CA PRO A 381 11.61 -5.95 -27.41
C PRO A 381 12.47 -6.48 -26.29
N LYS A 382 13.77 -6.19 -26.29
CA LYS A 382 14.60 -6.70 -25.20
C LYS A 382 14.28 -5.99 -23.90
N LEU A 383 14.18 -4.65 -23.95
CA LEU A 383 13.87 -3.87 -22.75
C LEU A 383 12.51 -4.26 -22.17
N LEU A 384 11.49 -4.38 -23.02
CA LEU A 384 10.21 -4.90 -22.57
C LEU A 384 10.40 -6.19 -21.79
N GLU A 385 11.14 -7.14 -22.37
CA GLU A 385 11.39 -8.39 -21.67
C GLU A 385 12.10 -8.12 -20.35
N LEU A 386 13.14 -7.28 -20.39
CA LEU A 386 13.90 -6.99 -19.18
C LEU A 386 12.99 -6.38 -18.11
N MET A 387 12.09 -5.47 -18.50
CA MET A 387 11.27 -4.84 -17.46
C MET A 387 10.37 -5.88 -16.81
N GLU A 388 9.79 -6.78 -17.62
CA GLU A 388 8.95 -7.80 -17.02
C GLU A 388 9.77 -8.74 -16.15
N GLY A 389 11.05 -8.94 -16.50
CA GLY A 389 11.90 -9.77 -15.66
C GLY A 389 12.29 -9.09 -14.37
N ILE A 390 12.42 -7.76 -14.38
CA ILE A 390 12.72 -7.06 -13.14
C ILE A 390 11.52 -7.11 -12.21
N GLN A 391 10.36 -6.70 -12.72
CA GLN A 391 9.09 -6.77 -11.99
C GLN A 391 8.93 -8.14 -11.31
N ARG A 392 8.96 -9.21 -12.13
CA ARG A 392 8.77 -10.54 -11.56
C ARG A 392 9.83 -10.84 -10.51
N SER A 393 11.11 -10.50 -10.79
CA SER A 393 12.15 -10.84 -9.84
C SER A 393 11.95 -10.07 -8.54
N LEU A 394 11.59 -8.78 -8.63
CA LEU A 394 11.34 -8.02 -7.41
C LEU A 394 10.24 -8.68 -6.61
N PHE A 395 9.20 -9.19 -7.29
CA PHE A 395 8.11 -9.84 -6.57
C PHE A 395 8.59 -11.12 -5.92
N GLU A 396 9.29 -11.97 -6.69
CA GLU A 396 9.53 -13.32 -6.20
C GLU A 396 10.46 -13.29 -4.99
N LYS A 397 11.50 -12.45 -5.04
CA LYS A 397 12.38 -12.29 -3.90
C LYS A 397 11.62 -11.75 -2.71
N ALA A 398 10.78 -10.73 -2.92
CA ALA A 398 9.96 -10.25 -1.82
C ALA A 398 9.06 -11.37 -1.32
N LYS A 399 8.53 -12.18 -2.23
CA LYS A 399 7.66 -13.26 -1.78
C LYS A 399 8.46 -14.24 -0.94
N ALA A 400 9.71 -14.51 -1.35
CA ALA A 400 10.57 -15.38 -0.57
C ALA A 400 10.80 -14.80 0.82
N ARG A 401 11.08 -13.49 0.90
CA ARG A 401 11.33 -12.90 2.20
C ARG A 401 10.08 -12.95 3.05
N LEU A 402 8.90 -12.90 2.42
CA LEU A 402 7.68 -13.05 3.20
C LEU A 402 7.61 -14.45 3.81
N HIS A 403 7.85 -15.49 3.01
CA HIS A 403 7.60 -16.82 3.53
C HIS A 403 8.67 -17.21 4.53
N GLU A 404 9.88 -16.69 4.37
CA GLU A 404 10.90 -16.88 5.39
C GLU A 404 10.60 -16.12 6.67
N GLY A 405 9.83 -15.05 6.59
CA GLY A 405 9.53 -14.30 7.79
C GLY A 405 8.41 -14.84 8.65
N ILE A 406 7.80 -15.97 8.29
CA ILE A 406 6.65 -16.51 9.00
C ILE A 406 7.02 -17.89 9.55
N GLU A 407 6.89 -18.04 10.86
CA GLU A 407 7.06 -19.33 11.54
C GLU A 407 5.70 -19.93 11.87
N LYS A 408 5.48 -21.18 11.46
CA LYS A 408 4.29 -21.89 11.88
C LYS A 408 4.60 -22.56 13.21
N ILE A 409 3.79 -22.28 14.22
CA ILE A 409 4.03 -22.74 15.58
C ILE A 409 2.78 -23.43 16.11
N SER A 410 2.94 -24.12 17.23
CA SER A 410 1.83 -24.85 17.85
C SER A 410 1.55 -24.45 19.28
N THR A 411 2.48 -23.81 19.98
CA THR A 411 2.33 -23.50 21.39
C THR A 411 2.95 -22.13 21.67
N PHE A 412 2.61 -21.57 22.84
CA PHE A 412 2.91 -20.16 23.10
C PHE A 412 4.37 -19.90 23.45
N ASP A 413 5.08 -20.86 24.04
CA ASP A 413 6.48 -20.55 24.32
C ASP A 413 7.35 -20.58 23.06
N GLU A 414 6.76 -20.86 21.88
CA GLU A 414 7.44 -20.62 20.62
C GLU A 414 7.28 -19.18 20.14
N VAL A 415 6.46 -18.38 20.81
CA VAL A 415 6.15 -17.03 20.32
C VAL A 415 7.35 -16.11 20.46
N MET A 416 7.87 -15.97 21.69
CA MET A 416 8.92 -14.98 21.93
C MET A 416 10.19 -15.25 21.13
N PRO A 417 10.72 -16.47 21.04
CA PRO A 417 11.85 -16.70 20.11
C PRO A 417 11.54 -16.23 18.71
N ALA A 418 10.37 -16.60 18.19
CA ALA A 418 9.99 -16.19 16.84
C ALA A 418 9.94 -14.68 16.71
N LEU A 419 9.44 -13.99 17.74
CA LEU A 419 9.40 -12.53 17.65
C LEU A 419 10.80 -11.92 17.76
N ASN A 420 11.71 -12.56 18.51
CA ASN A 420 13.06 -12.02 18.60
C ASN A 420 13.81 -12.20 17.30
N ARG A 421 13.36 -13.10 16.43
CA ARG A 421 13.90 -13.23 15.09
C ARG A 421 13.24 -12.31 14.08
N LYS A 422 12.43 -11.35 14.56
CA LYS A 422 11.70 -10.43 13.69
C LYS A 422 10.78 -11.18 12.72
N HIS A 423 10.15 -12.25 13.20
CA HIS A 423 9.24 -13.04 12.39
C HIS A 423 7.79 -12.89 12.86
N LEU A 424 6.87 -13.22 11.96
CA LEU A 424 5.48 -13.42 12.32
C LEU A 424 5.27 -14.88 12.69
N VAL A 425 4.15 -15.16 13.35
CA VAL A 425 3.81 -16.51 13.78
C VAL A 425 2.46 -16.87 13.20
N LEU A 426 2.35 -18.10 12.72
CA LEU A 426 1.09 -18.67 12.22
C LEU A 426 0.69 -19.76 13.19
N ALA A 427 -0.39 -19.55 13.94
CA ALA A 427 -0.70 -20.44 15.05
C ALA A 427 -2.15 -20.86 15.03
N PRO A 428 -2.45 -22.08 15.48
CA PRO A 428 -3.85 -22.50 15.64
C PRO A 428 -4.50 -21.75 16.78
N TRP A 429 -5.60 -21.06 16.49
CA TRP A 429 -6.22 -20.17 17.46
C TRP A 429 -7.70 -20.51 17.59
N CYS A 430 -8.19 -20.40 18.83
CA CYS A 430 -9.59 -20.58 19.15
C CYS A 430 -10.43 -19.35 18.85
N GLU A 431 -9.80 -18.21 18.57
CA GLU A 431 -10.43 -16.96 18.16
C GLU A 431 -11.25 -16.29 19.27
N ASP A 432 -11.09 -16.74 20.50
CA ASP A 432 -11.64 -16.06 21.67
C ASP A 432 -11.06 -14.63 21.77
N PRO A 433 -11.90 -13.58 21.79
CA PRO A 433 -11.34 -12.21 21.80
C PRO A 433 -10.56 -11.87 23.06
N GLU A 434 -11.02 -12.37 24.21
CA GLU A 434 -10.31 -12.14 25.46
C GLU A 434 -8.90 -12.70 25.38
N SER A 435 -8.73 -13.85 24.74
CA SER A 435 -7.40 -14.42 24.55
C SER A 435 -6.52 -13.48 23.73
N GLU A 436 -7.08 -12.79 22.74
CA GLU A 436 -6.24 -11.87 21.97
C GLU A 436 -5.72 -10.75 22.86
N GLU A 437 -6.60 -10.16 23.69
CA GLU A 437 -6.05 -9.06 24.49
C GLU A 437 -5.09 -9.57 25.56
N GLN A 438 -5.29 -10.81 26.05
CA GLN A 438 -4.33 -11.38 27.00
C GLN A 438 -2.98 -11.60 26.33
N ILE A 439 -2.99 -12.07 25.07
CA ILE A 439 -1.77 -12.30 24.32
C ILE A 439 -1.04 -10.99 24.07
N LYS A 440 -1.80 -9.93 23.74
CA LYS A 440 -1.16 -8.64 23.53
C LYS A 440 -0.44 -8.15 24.77
N LYS A 441 -1.10 -8.24 25.93
CA LYS A 441 -0.48 -7.72 27.14
C LYS A 441 0.70 -8.58 27.60
N GLU A 442 0.60 -9.91 27.47
CA GLU A 442 1.73 -10.74 27.87
C GLU A 442 2.92 -10.57 26.95
N THR A 443 2.70 -10.52 25.63
CA THR A 443 3.85 -10.32 24.76
C THR A 443 4.46 -8.96 24.95
N GLN A 444 3.64 -7.94 25.24
CA GLN A 444 4.24 -6.64 25.53
C GLN A 444 5.13 -6.69 26.77
N LYS A 445 4.64 -7.33 27.85
CA LYS A 445 5.45 -7.37 29.06
C LYS A 445 6.73 -8.18 28.84
N LEU A 446 6.63 -9.30 28.13
CA LEU A 446 7.81 -10.09 27.82
C LEU A 446 8.80 -9.29 26.98
N SER A 447 8.27 -8.46 26.06
CA SER A 447 9.15 -7.64 25.23
C SER A 447 9.86 -6.58 26.07
N GLU A 448 9.13 -5.94 27.00
CA GLU A 448 9.76 -4.93 27.85
C GLU A 448 10.87 -5.54 28.68
N ILE A 449 10.60 -6.68 29.31
CA ILE A 449 11.62 -7.34 30.10
C ILE A 449 12.83 -7.67 29.25
N GLN A 450 12.62 -8.14 28.01
CA GLN A 450 13.76 -8.40 27.15
C GLN A 450 14.53 -7.10 26.85
N ALA A 451 13.80 -6.02 26.57
CA ALA A 451 14.43 -4.73 26.29
C ALA A 451 15.36 -4.30 27.42
N ILE A 452 14.99 -4.58 28.66
CA ILE A 452 15.84 -4.25 29.80
C ILE A 452 17.22 -4.90 29.64
N GLU A 453 17.27 -6.09 29.05
CA GLU A 453 18.53 -6.82 28.90
C GLU A 453 19.33 -6.36 27.69
N ALA A 454 18.77 -5.51 26.84
CA ALA A 454 19.49 -4.97 25.70
C ALA A 454 20.40 -3.81 26.12
N GLY A 463 5.90 -3.03 20.91
CA GLY A 463 6.15 -4.15 21.81
C GLY A 463 5.20 -5.33 21.61
N ALA A 464 3.89 -5.08 21.54
CA ALA A 464 2.91 -6.15 21.66
C ALA A 464 2.65 -6.84 20.32
N MET A 465 2.42 -8.14 20.41
CA MET A 465 2.04 -8.96 19.27
C MET A 465 0.52 -9.03 19.20
N LYS A 466 -0.05 -8.79 18.03
CA LYS A 466 -1.49 -8.78 17.86
C LYS A 466 -1.82 -9.70 16.69
N THR A 467 -3.11 -10.01 16.51
CA THR A 467 -3.48 -10.71 15.29
C THR A 467 -3.29 -9.76 14.13
N LEU A 468 -2.78 -10.30 13.04
CA LEU A 468 -2.72 -9.55 11.81
C LEU A 468 -3.86 -9.92 10.89
N CYS A 469 -4.09 -11.22 10.75
CA CYS A 469 -5.23 -11.61 9.93
C CYS A 469 -5.42 -13.12 10.11
N ILE A 470 -6.63 -13.56 9.84
CA ILE A 470 -6.91 -15.00 9.73
C ILE A 470 -6.89 -15.33 8.24
N PRO A 471 -5.79 -15.91 7.74
CA PRO A 471 -5.62 -16.02 6.29
C PRO A 471 -6.73 -16.83 5.63
N PHE A 472 -7.11 -16.39 4.43
CA PHE A 472 -7.99 -17.19 3.57
C PHE A 472 -7.38 -18.55 3.27
N ASP A 473 -6.09 -18.58 2.96
CA ASP A 473 -5.37 -19.82 2.62
CA ASP A 473 -5.38 -19.82 2.62
C ASP A 473 -4.99 -20.51 3.93
N GLN A 474 -5.85 -21.41 4.39
CA GLN A 474 -5.66 -22.10 5.66
C GLN A 474 -4.87 -23.38 5.44
N PRO A 475 -3.67 -23.53 6.03
CA PRO A 475 -2.96 -24.82 5.97
C PRO A 475 -3.81 -25.92 6.61
N PRO A 476 -3.44 -27.18 6.44
CA PRO A 476 -4.26 -28.25 7.02
C PRO A 476 -4.38 -28.10 8.52
N MET A 477 -5.54 -28.45 9.05
CA MET A 477 -5.80 -28.37 10.48
C MET A 477 -6.05 -29.78 10.97
N PRO A 478 -5.03 -30.46 11.51
CA PRO A 478 -5.24 -31.77 12.12
C PRO A 478 -6.41 -31.72 13.08
N GLU A 479 -7.09 -32.85 13.24
CA GLU A 479 -8.45 -32.84 13.78
C GLU A 479 -8.48 -32.39 15.24
N GLY A 480 -7.68 -33.01 16.08
CA GLY A 480 -7.72 -32.63 17.48
C GLY A 480 -6.91 -31.42 17.87
N THR A 481 -6.44 -30.61 16.91
CA THR A 481 -5.52 -29.51 17.19
C THR A 481 -6.10 -28.53 18.19
N LYS A 482 -5.26 -28.05 19.10
CA LYS A 482 -5.69 -27.18 20.19
C LYS A 482 -5.09 -25.80 20.02
N CYS A 483 -5.74 -24.80 20.63
CA CYS A 483 -5.33 -23.40 20.49
C CYS A 483 -3.99 -23.15 21.18
N PHE A 484 -3.07 -22.46 20.49
CA PHE A 484 -1.70 -22.31 20.97
C PHE A 484 -1.59 -21.51 22.27
N TYR A 485 -2.65 -20.86 22.72
CA TYR A 485 -2.58 -20.08 23.94
C TYR A 485 -3.55 -20.53 25.03
N THR A 486 -4.75 -21.01 24.68
CA THR A 486 -5.72 -21.40 25.70
C THR A 486 -5.87 -22.90 25.87
N GLY A 487 -5.32 -23.71 24.95
CA GLY A 487 -5.48 -25.14 24.99
C GLY A 487 -6.82 -25.66 24.51
N LYS A 488 -7.81 -24.77 24.29
CA LYS A 488 -9.11 -25.17 23.80
C LYS A 488 -9.01 -25.61 22.34
N PRO A 489 -10.07 -26.22 21.76
CA PRO A 489 -10.01 -26.57 20.34
C PRO A 489 -9.61 -25.40 19.47
N ALA A 490 -8.55 -25.59 18.68
CA ALA A 490 -8.22 -24.60 17.67
C ALA A 490 -9.38 -24.46 16.70
N LYS A 491 -9.62 -23.24 16.24
CA LYS A 491 -10.59 -23.01 15.20
C LYS A 491 -9.94 -22.78 13.85
N ARG A 492 -9.00 -21.85 13.76
CA ARG A 492 -8.34 -21.59 12.49
C ARG A 492 -6.92 -21.13 12.72
N TRP A 493 -6.09 -21.30 11.69
CA TRP A 493 -4.74 -20.72 11.72
C TRP A 493 -4.83 -19.21 11.64
N THR A 494 -4.13 -18.53 12.53
CA THR A 494 -4.13 -17.07 12.59
C THR A 494 -2.69 -16.56 12.49
N LEU A 495 -2.51 -15.49 11.70
CA LEU A 495 -1.24 -14.82 11.56
C LEU A 495 -1.16 -13.67 12.57
N TRP A 496 -0.18 -13.78 13.47
CA TRP A 496 0.14 -12.81 14.51
C TRP A 496 1.53 -12.23 14.25
N GLY A 497 1.74 -11.03 14.77
CA GLY A 497 3.08 -10.48 14.85
C GLY A 497 3.02 -9.10 15.45
N ARG A 498 4.20 -8.50 15.62
CA ARG A 498 4.25 -7.08 15.86
C ARG A 498 3.79 -6.34 14.61
N SER A 499 3.33 -5.11 14.79
CA SER A 499 2.60 -4.47 13.71
C SER A 499 2.79 -2.97 13.77
N TYR A 500 2.54 -2.32 12.63
CA TYR A 500 2.32 -0.87 12.57
C TYR A 500 0.90 -0.53 13.02
C4 1XK B . -3.70 4.91 8.92
C 1XK B . -1.12 6.61 6.08
N 1XK B . -2.11 6.54 8.27
N1 1XK B . -2.52 7.82 10.67
C3 1XK B . -3.65 4.33 7.68
C2 1XK B . -2.80 4.87 6.73
C1 1XK B . -2.05 5.98 7.05
O 1XK B . -3.35 5.92 11.50
C10 1XK B . 0.72 9.62 13.28
C11 1XK B . 1.14 8.56 14.00
C12 1XK B . 0.31 7.47 14.08
C13 1XK B . -0.91 7.48 13.43
C14 1XK B . 0.69 6.33 14.93
C15 1XK B . 1.89 6.12 15.59
C16 1XK B . 0.32 3.17 16.58
C17 1XK B . -0.06 5.24 15.22
C18 1XK B . -5.55 2.94 8.37
C19 1XK B . -6.66 2.42 7.51
C20 1XK B . -5.92 1.77 6.34
C21 1XK B . -5.58 0.36 6.70
C22 1XK B . -6.64 1.92 5.12
C23 1XK B . -7.53 3.11 4.96
C24 1XK B . -8.12 1.76 5.19
C25 1XK B . -4.71 2.63 6.22
C5 1XK B . -2.92 5.99 9.17
C6 1XK B . -2.94 6.58 10.56
C7 1XK B . -2.61 8.55 11.92
C8 1XK B . -1.30 8.57 12.68
C9 1XK B . -0.47 9.67 12.62
F 1XK B . 1.50 10.69 13.23
N2 1XK B . 1.88 4.99 16.26
N3 1XK B . 0.67 4.45 16.02
N4 1XK B . -4.51 3.25 7.40
O1 1XK B . -5.46 -0.41 5.54
O2 1XK B . -4.02 2.73 5.24
N PRO C . -13.84 3.66 5.71
CA PRO C . -13.14 2.40 5.95
C PRO C . -11.89 2.64 6.82
O PRO C . -11.54 3.77 7.20
CB PRO C . -12.77 1.94 4.54
CG PRO C . -12.60 3.23 3.77
CD PRO C . -13.69 4.14 4.32
OXT PRO C . -11.19 1.70 7.17
C1 GOL D . -37.07 -4.17 7.61
O1 GOL D . -37.34 -2.89 8.19
C2 GOL D . -35.73 -4.70 8.08
O2 GOL D . -35.65 -4.47 9.48
C3 GOL D . -35.44 -6.15 7.78
O3 GOL D . -34.43 -6.24 6.80
C1 GOL E . 6.79 16.39 9.08
O1 GOL E . 7.14 17.37 8.09
C2 GOL E . 7.95 16.21 10.06
O2 GOL E . 8.24 17.47 10.68
C3 GOL E . 7.56 15.20 11.12
O3 GOL E . 6.17 15.33 11.42
C1 GOL F . 1.82 11.73 3.09
O1 GOL F . 2.39 12.68 4.00
C2 GOL F . 0.80 12.43 2.20
O2 GOL F . 1.46 13.43 1.41
C3 GOL F . 0.14 11.41 1.28
O3 GOL F . -1.20 11.17 1.71
CL CL G . 10.77 3.05 10.26
CL CL H . -9.54 -1.70 10.20
CL CL I . -19.53 -13.90 5.23
CL CL J . 23.42 -2.99 -7.40
CL CL K . 1.25 -11.53 -9.24
CL CL L . 16.79 15.51 -16.56
CL CL M . 29.30 2.68 -22.34
CL CL N . -9.73 10.47 -10.82
CL CL O . -0.11 -17.94 4.83
CL CL P . -13.35 -16.54 1.95
CL CL Q . 29.99 11.11 -8.31
NA NA R . -9.83 -28.94 16.34
S SO3 S . -5.76 13.39 -5.51
O1 SO3 S . -4.66 14.35 -5.22
O2 SO3 S . -5.27 12.02 -5.33
O3 SO3 S . -6.94 13.64 -4.67
CA ETA T . -9.01 16.60 -1.13
N ETA T . -7.67 16.37 -1.69
C ETA T . -9.03 17.58 0.08
O ETA T . -9.12 16.82 1.34
#